data_6BKO
#
_entry.id   6BKO
#
_cell.length_a   100.410
_cell.length_b   100.410
_cell.length_c   384.444
_cell.angle_alpha   90.00
_cell.angle_beta   90.00
_cell.angle_gamma   120.00
#
_symmetry.space_group_name_H-M   'H 3 2'
#
loop_
_entity.id
_entity.type
_entity.pdbx_description
1 polymer Hemagglutinin
2 polymer Hemagglutinin
3 branched beta-D-mannopyranose-(1-4)-2-acetamido-2-deoxy-beta-D-glucopyranose-(1-4)-2-acetamido-2-deoxy-beta-D-glucopyranose
4 branched alpha-D-mannopyranose-(1-3)-beta-D-mannopyranose-(1-4)-2-acetamido-2-deoxy-beta-D-glucopyranose-(1-4)-2-acetamido-2-deoxy-beta-D-glucopyranose
5 branched 2-acetamido-2-deoxy-beta-D-glucopyranose-(1-4)-2-acetamido-2-deoxy-beta-D-glucopyranose
6 non-polymer 2-acetamido-2-deoxy-beta-D-glucopyranose
7 water water
#
loop_
_entity_poly.entity_id
_entity_poly.type
_entity_poly.pdbx_seq_one_letter_code
_entity_poly.pdbx_strand_id
1 'polypeptide(L)'
;ADPGATLCLGHHAVPNGTIVKTITNDQIEVTNATELVQSSSTGGICDSPHQILDGENCTLIDALLGDPQCDGFQNKKWDL
FVERSKAYSNCYPYDVPDYASLRSLVASSGTLEFNNESFNWAGVTQNGTSSACKRRSNKSFFSRLNWLTHLKYKYPALNV
TMPNNEKFDKLYIWGVHHPVTDSEQISLYAQASGRITVSTKRSQQTVIPNIGFRPRVRDISSRISIYWTIVKPGDILLIN
STGNLIAPRGYFKIRSGKSSIMRSDAPIGKCNSECITPNGSIPNDKPFQNVNRITYGACPRYVKQNTLKLATGMRNVPEK
QTR
;
A
2 'polypeptide(L)'
;GIFGAIAGFIENGWEGMVDGWYGFRHQNSEGTGQAADLKSTQAAINQINGKLNRLIGKTNEKFHQIEKEFSEVEGRIQDL
EKYVEDTKIDLWSYNAELLVALENQHTIDLTDSEMNKLFERTKKQLRENAEDMGNGCFKIYHKCDNACIESIRNGTYDHD
VYRDEALNNRFQIK
;
B
#
loop_
_chem_comp.id
_chem_comp.type
_chem_comp.name
_chem_comp.formula
BMA D-saccharide, beta linking beta-D-mannopyranose 'C6 H12 O6'
MAN D-saccharide, alpha linking alpha-D-mannopyranose 'C6 H12 O6'
NAG D-saccharide, beta linking 2-acetamido-2-deoxy-beta-D-glucopyranose 'C8 H15 N O6'
#
# COMPACT_ATOMS: atom_id res chain seq x y z
N PRO A 3 52.88 40.04 -0.47
CA PRO A 3 52.26 38.92 0.27
C PRO A 3 51.07 38.28 -0.46
N GLY A 4 50.10 39.10 -0.90
CA GLY A 4 48.96 38.63 -1.68
C GLY A 4 47.84 38.05 -0.86
N ALA A 5 47.18 37.04 -1.39
CA ALA A 5 46.09 36.42 -0.68
C ALA A 5 45.94 34.97 -1.07
N THR A 6 45.18 34.25 -0.27
CA THR A 6 44.79 32.87 -0.63
CA THR A 6 44.80 32.84 -0.57
C THR A 6 43.28 32.75 -0.59
N LEU A 7 42.72 32.07 -1.59
CA LEU A 7 41.29 31.88 -1.72
C LEU A 7 41.04 30.39 -1.97
N CYS A 8 40.36 29.75 -1.02
CA CYS A 8 40.12 28.30 -1.00
C CYS A 8 38.65 28.03 -1.27
N LEU A 9 38.40 27.10 -2.17
CA LEU A 9 37.06 26.67 -2.48
C LEU A 9 36.82 25.44 -1.64
N GLY A 10 35.60 25.29 -1.15
CA GLY A 10 35.26 24.11 -0.38
C GLY A 10 33.78 23.86 -0.24
N HIS A 11 33.49 22.89 0.61
CA HIS A 11 32.15 22.43 0.81
C HIS A 11 31.93 22.10 2.27
N HIS A 12 30.66 21.97 2.67
CA HIS A 12 30.36 21.67 4.07
C HIS A 12 30.57 20.20 4.43
N ALA A 13 30.56 19.96 5.72
CA ALA A 13 30.55 18.60 6.27
C ALA A 13 29.75 18.67 7.58
N VAL A 14 29.36 17.52 8.10
CA VAL A 14 28.66 17.46 9.38
C VAL A 14 29.36 16.47 10.30
N PRO A 15 29.19 16.65 11.64
CA PRO A 15 29.77 15.70 12.55
C PRO A 15 29.01 14.39 12.60
N ASN A 16 27.73 14.37 12.20
CA ASN A 16 26.87 13.19 12.32
C ASN A 16 26.34 12.74 10.94
N GLY A 17 27.23 12.20 10.10
CA GLY A 17 26.79 11.74 8.76
C GLY A 17 26.01 10.43 8.78
N THR A 18 25.45 10.04 7.63
CA THR A 18 24.68 8.76 7.54
C THR A 18 25.18 7.89 6.41
N ILE A 19 25.16 6.59 6.64
CA ILE A 19 25.71 5.62 5.72
C ILE A 19 24.64 5.23 4.70
N VAL A 20 25.00 5.31 3.41
CA VAL A 20 24.14 4.82 2.34
C VAL A 20 24.86 3.86 1.44
N LYS A 21 24.06 3.19 0.59
CA LYS A 21 24.55 2.29 -0.46
C LYS A 21 24.59 2.98 -1.82
N THR A 22 25.58 2.63 -2.64
CA THR A 22 25.72 3.12 -3.99
C THR A 22 26.00 1.95 -4.92
N ILE A 23 26.18 2.26 -6.21
CA ILE A 23 26.53 1.27 -7.22
CA ILE A 23 26.55 1.28 -7.24
C ILE A 23 27.91 0.65 -6.96
N THR A 24 28.85 1.45 -6.47
CA THR A 24 30.23 0.99 -6.27
C THR A 24 30.64 0.73 -4.83
N ASN A 25 29.78 1.05 -3.87
CA ASN A 25 30.16 0.87 -2.46
C ASN A 25 28.93 0.64 -1.61
N ASP A 26 28.93 -0.41 -0.81
CA ASP A 26 27.76 -0.66 0.05
C ASP A 26 27.67 0.27 1.27
N GLN A 27 28.74 0.98 1.61
CA GLN A 27 28.78 1.87 2.78
C GLN A 27 29.54 3.15 2.48
N ILE A 28 28.82 4.21 2.14
CA ILE A 28 29.46 5.50 2.02
CA ILE A 28 29.39 5.56 1.92
C ILE A 28 28.70 6.55 2.83
N GLU A 29 29.46 7.39 3.53
CA GLU A 29 28.86 8.36 4.41
C GLU A 29 28.51 9.64 3.63
N VAL A 30 27.25 10.04 3.75
CA VAL A 30 26.76 11.31 3.22
C VAL A 30 26.30 12.26 4.35
N THR A 31 26.09 13.52 4.00
CA THR A 31 25.76 14.51 5.04
C THR A 31 24.32 14.31 5.55
N ASN A 32 23.47 13.70 4.75
CA ASN A 32 22.06 13.59 5.12
C ASN A 32 21.41 12.56 4.20
N ALA A 33 20.36 11.94 4.71
CA ALA A 33 19.60 10.96 3.94
C ALA A 33 18.18 10.91 4.43
N THR A 34 17.33 10.28 3.64
CA THR A 34 15.93 10.08 4.04
C THR A 34 15.51 8.63 3.81
N GLU A 35 14.61 8.15 4.67
CA GLU A 35 14.20 6.76 4.65
C GLU A 35 13.11 6.56 3.63
N LEU A 36 13.26 5.57 2.76
CA LEU A 36 12.23 5.28 1.72
C LEU A 36 11.29 4.10 2.03
N VAL A 37 11.58 3.35 3.11
CA VAL A 37 10.73 2.23 3.54
C VAL A 37 10.00 2.56 4.85
N GLN A 38 8.68 2.56 4.79
CA GLN A 38 7.84 2.69 5.96
C GLN A 38 7.85 1.36 6.69
N SER A 39 8.35 1.36 7.93
CA SER A 39 8.43 0.10 8.68
C SER A 39 7.61 0.07 9.94
N SER A 40 6.91 1.14 10.26
CA SER A 40 6.09 1.15 11.47
C SER A 40 4.65 1.48 11.13
N SER A 41 3.74 0.95 11.95
CA SER A 41 2.32 1.32 11.95
CA SER A 41 2.35 1.35 11.94
C SER A 41 1.95 1.91 13.30
N THR A 42 0.81 2.59 13.31
CA THR A 42 0.18 3.14 14.55
C THR A 42 -0.38 1.99 15.42
N GLY A 43 -0.67 0.84 14.80
CA GLY A 43 -1.28 -0.28 15.50
C GLY A 43 -2.79 -0.31 15.38
N GLY A 44 -3.43 0.80 15.01
CA GLY A 44 -4.87 0.83 14.83
C GLY A 44 -5.22 1.15 13.40
N ILE A 45 -6.44 0.78 13.01
CA ILE A 45 -6.99 1.13 11.71
C ILE A 45 -7.79 2.41 11.87
N CYS A 46 -7.40 3.45 11.15
CA CYS A 46 -8.12 4.72 11.17
C CYS A 46 -9.46 4.62 10.46
N ASP A 47 -10.50 5.12 11.12
CA ASP A 47 -11.86 5.06 10.56
C ASP A 47 -12.09 6.00 9.39
N SER A 48 -11.12 6.87 9.12
CA SER A 48 -11.21 7.82 8.01
C SER A 48 -9.97 7.73 7.13
N PRO A 49 -10.07 8.01 5.83
CA PRO A 49 -11.27 8.48 5.14
C PRO A 49 -12.06 7.40 4.42
N HIS A 50 -11.66 6.13 4.57
CA HIS A 50 -12.41 5.03 3.98
C HIS A 50 -13.54 4.64 4.95
N GLN A 51 -14.64 4.16 4.41
CA GLN A 51 -15.77 3.71 5.23
C GLN A 51 -15.44 2.30 5.71
N ILE A 52 -15.21 2.18 7.01
CA ILE A 52 -14.79 0.92 7.61
C ILE A 52 -16.00 0.27 8.25
N LEU A 53 -16.17 -1.03 8.00
CA LEU A 53 -17.19 -1.83 8.68
C LEU A 53 -16.50 -2.96 9.44
N ASP A 54 -16.53 -2.84 10.76
CA ASP A 54 -15.98 -3.86 11.64
C ASP A 54 -16.96 -5.03 11.74
N GLY A 55 -16.56 -6.22 11.28
CA GLY A 55 -17.39 -7.41 11.32
C GLY A 55 -17.70 -7.90 12.74
N GLU A 56 -16.86 -7.53 13.71
CA GLU A 56 -17.02 -7.93 15.11
C GLU A 56 -17.12 -9.47 15.19
N ASN A 57 -18.25 -10.02 15.64
CA ASN A 57 -18.40 -11.47 15.70
C ASN A 57 -18.79 -12.15 14.40
N CYS A 58 -18.99 -11.37 13.34
CA CYS A 58 -19.56 -11.85 12.11
C CYS A 58 -18.54 -11.88 10.97
N THR A 59 -18.43 -13.02 10.31
CA THR A 59 -17.85 -13.06 8.99
C THR A 59 -18.79 -12.34 8.02
N LEU A 60 -18.24 -11.91 6.89
CA LEU A 60 -19.07 -11.29 5.86
C LEU A 60 -20.18 -12.24 5.42
N ILE A 61 -19.83 -13.50 5.21
CA ILE A 61 -20.83 -14.47 4.76
C ILE A 61 -21.92 -14.66 5.82
N ASP A 62 -21.56 -14.68 7.10
CA ASP A 62 -22.62 -14.75 8.13
C ASP A 62 -23.51 -13.50 8.15
N ALA A 63 -22.92 -12.34 7.95
CA ALA A 63 -23.72 -11.11 7.82
C ALA A 63 -24.64 -11.13 6.59
N LEU A 64 -24.15 -11.68 5.47
CA LEU A 64 -24.93 -11.90 4.24
C LEU A 64 -26.16 -12.79 4.50
N LEU A 65 -25.89 -13.98 5.02
CA LEU A 65 -26.95 -14.96 5.23
C LEU A 65 -27.94 -14.49 6.29
N GLY A 66 -27.45 -13.81 7.32
CA GLY A 66 -28.28 -13.31 8.38
C GLY A 66 -28.25 -14.20 9.62
N ASP A 67 -27.04 -14.52 10.07
CA ASP A 67 -26.81 -15.20 11.36
C ASP A 67 -27.41 -14.31 12.47
N PRO A 68 -27.96 -14.93 13.54
CA PRO A 68 -28.60 -14.17 14.64
C PRO A 68 -27.72 -13.10 15.27
N GLN A 69 -26.42 -13.29 15.28
CA GLN A 69 -25.55 -12.28 15.85
C GLN A 69 -25.22 -11.10 14.90
N CYS A 70 -25.78 -11.11 13.67
CA CYS A 70 -25.40 -10.18 12.59
C CYS A 70 -26.53 -9.28 12.08
N ASP A 71 -27.65 -9.19 12.80
CA ASP A 71 -28.80 -8.40 12.33
C ASP A 71 -28.51 -6.89 12.21
N GLY A 72 -27.60 -6.38 13.01
CA GLY A 72 -27.15 -4.98 12.92
C GLY A 72 -26.47 -4.62 11.58
N PHE A 73 -25.99 -5.63 10.83
CA PHE A 73 -25.34 -5.42 9.52
C PHE A 73 -26.30 -5.22 8.31
N GLN A 74 -27.61 -5.36 8.51
CA GLN A 74 -28.53 -5.33 7.38
C GLN A 74 -28.40 -4.05 6.57
N ASN A 75 -28.21 -4.23 5.27
CA ASN A 75 -28.17 -3.14 4.30
C ASN A 75 -26.98 -2.19 4.42
N LYS A 76 -26.00 -2.53 5.25
CA LYS A 76 -24.80 -1.71 5.39
C LYS A 76 -23.89 -1.81 4.18
N LYS A 77 -23.12 -0.74 3.97
CA LYS A 77 -22.16 -0.61 2.90
C LYS A 77 -20.76 -0.42 3.57
N TRP A 78 -19.72 -0.65 2.79
CA TRP A 78 -18.34 -0.43 3.25
C TRP A 78 -17.43 -0.15 2.08
N ASP A 79 -16.35 0.55 2.37
CA ASP A 79 -15.15 0.50 1.57
C ASP A 79 -14.29 -0.70 1.97
N LEU A 80 -14.10 -0.90 3.28
CA LEU A 80 -13.35 -2.03 3.79
C LEU A 80 -14.09 -2.73 4.90
N PHE A 81 -14.43 -3.99 4.67
CA PHE A 81 -15.01 -4.87 5.69
C PHE A 81 -13.87 -5.51 6.45
N VAL A 82 -13.87 -5.40 7.76
CA VAL A 82 -12.78 -5.96 8.58
C VAL A 82 -13.29 -7.20 9.29
N GLU A 83 -12.74 -8.35 8.89
CA GLU A 83 -13.07 -9.66 9.48
C GLU A 83 -12.12 -10.04 10.62
N ARG A 84 -12.69 -10.37 11.77
CA ARG A 84 -11.95 -10.64 13.00
C ARG A 84 -11.68 -12.14 13.15
N SER A 85 -10.53 -12.51 13.71
CA SER A 85 -10.20 -13.94 13.87
C SER A 85 -11.11 -14.66 14.88
N LYS A 86 -11.72 -13.92 15.82
CA LYS A 86 -12.64 -14.50 16.81
C LYS A 86 -14.03 -14.79 16.26
N ALA A 87 -14.37 -14.32 15.06
CA ALA A 87 -15.73 -14.50 14.52
C ALA A 87 -16.10 -15.98 14.49
N TYR A 88 -17.34 -16.30 14.84
CA TYR A 88 -17.83 -17.67 14.81
C TYR A 88 -19.31 -17.63 14.42
N SER A 89 -19.80 -18.76 13.94
CA SER A 89 -21.19 -18.88 13.50
C SER A 89 -22.05 -19.40 14.62
N ASN A 90 -23.32 -19.03 14.60
CA ASN A 90 -24.23 -19.43 15.63
C ASN A 90 -25.63 -19.70 15.06
N CYS A 91 -25.62 -20.43 13.95
CA CYS A 91 -26.83 -20.81 13.27
C CYS A 91 -26.68 -22.26 12.80
N TYR A 92 -27.46 -22.65 11.80
CA TYR A 92 -27.47 -24.03 11.33
C TYR A 92 -26.14 -24.25 10.65
N PRO A 93 -25.51 -25.43 10.87
CA PRO A 93 -24.20 -25.63 10.23
C PRO A 93 -24.29 -25.69 8.70
N TYR A 94 -23.41 -24.94 8.04
CA TYR A 94 -23.47 -24.81 6.59
C TYR A 94 -22.08 -24.82 5.98
N ASP A 95 -22.04 -25.11 4.68
CA ASP A 95 -20.86 -24.86 3.87
C ASP A 95 -21.26 -24.15 2.59
N VAL A 96 -20.25 -23.59 1.94
CA VAL A 96 -20.43 -22.89 0.68
C VAL A 96 -19.38 -23.43 -0.25
N PRO A 97 -19.78 -24.31 -1.18
CA PRO A 97 -18.83 -24.64 -2.25
C PRO A 97 -18.33 -23.32 -2.91
N ASP A 98 -17.02 -23.15 -3.06
CA ASP A 98 -16.48 -21.91 -3.62
C ASP A 98 -16.52 -20.69 -2.67
N TYR A 99 -16.74 -20.95 -1.38
CA TYR A 99 -16.80 -19.94 -0.33
C TYR A 99 -15.94 -18.73 -0.64
N ALA A 100 -14.69 -18.95 -1.03
CA ALA A 100 -13.78 -17.86 -1.30
C ALA A 100 -14.29 -16.92 -2.38
N SER A 101 -14.95 -17.45 -3.40
CA SER A 101 -15.50 -16.63 -4.48
C SER A 101 -16.70 -15.80 -4.05
N LEU A 102 -17.61 -16.38 -3.27
CA LEU A 102 -18.77 -15.62 -2.82
C LEU A 102 -18.32 -14.52 -1.86
N ARG A 103 -17.41 -14.85 -0.95
CA ARG A 103 -16.83 -13.85 -0.05
C ARG A 103 -16.21 -12.69 -0.86
N SER A 104 -15.40 -13.04 -1.85
CA SER A 104 -14.75 -12.04 -2.70
C SER A 104 -15.72 -11.14 -3.46
N LEU A 105 -16.73 -11.74 -4.09
CA LEU A 105 -17.64 -10.94 -4.90
C LEU A 105 -18.53 -10.02 -4.08
N VAL A 106 -18.95 -10.46 -2.89
CA VAL A 106 -19.69 -9.61 -1.98
C VAL A 106 -18.79 -8.50 -1.41
N ALA A 107 -17.57 -8.85 -1.00
CA ALA A 107 -16.60 -7.87 -0.48
C ALA A 107 -16.36 -6.75 -1.47
N SER A 108 -16.17 -7.14 -2.73
CA SER A 108 -15.89 -6.22 -3.83
C SER A 108 -17.10 -5.36 -4.21
N SER A 109 -18.29 -5.93 -4.08
CA SER A 109 -19.52 -5.21 -4.30
C SER A 109 -19.72 -4.10 -3.25
N GLY A 110 -19.42 -4.41 -2.00
CA GLY A 110 -19.35 -3.41 -0.95
C GLY A 110 -20.69 -3.01 -0.37
N THR A 111 -21.68 -3.88 -0.52
CA THR A 111 -23.00 -3.62 0.02
C THR A 111 -23.73 -4.90 0.38
N LEU A 112 -24.51 -4.83 1.46
CA LEU A 112 -25.46 -5.87 1.86
C LEU A 112 -26.90 -5.42 1.64
N GLU A 113 -27.10 -4.34 0.87
CA GLU A 113 -28.44 -3.89 0.46
C GLU A 113 -29.27 -5.08 -0.02
N PHE A 114 -30.41 -5.28 0.63
CA PHE A 114 -31.26 -6.43 0.37
C PHE A 114 -32.66 -5.95 0.05
N ASN A 115 -33.28 -6.53 -0.97
CA ASN A 115 -34.68 -6.24 -1.31
C ASN A 115 -35.50 -7.51 -1.29
N ASN A 116 -36.51 -7.55 -0.43
CA ASN A 116 -37.44 -8.67 -0.35
C ASN A 116 -38.25 -8.74 -1.62
N GLU A 117 -38.58 -9.96 -2.02
CA GLU A 117 -39.47 -10.19 -3.13
C GLU A 117 -40.53 -11.19 -2.70
N SER A 118 -41.70 -11.11 -3.37
CA SER A 118 -42.86 -11.95 -3.08
C SER A 118 -42.85 -13.23 -3.93
N PHE A 119 -42.09 -14.22 -3.49
CA PHE A 119 -42.08 -15.55 -4.14
C PHE A 119 -43.33 -16.30 -3.74
N ASN A 120 -43.95 -16.96 -4.72
CA ASN A 120 -45.19 -17.72 -4.53
C ASN A 120 -44.80 -19.17 -4.19
N TRP A 121 -44.67 -19.47 -2.90
CA TRP A 121 -44.32 -20.82 -2.45
C TRP A 121 -45.60 -21.61 -2.16
N ALA A 122 -46.34 -21.90 -3.23
CA ALA A 122 -47.66 -22.50 -3.11
C ALA A 122 -47.60 -23.93 -2.60
N GLY A 123 -48.37 -24.20 -1.54
CA GLY A 123 -48.59 -25.55 -1.05
C GLY A 123 -47.59 -26.12 -0.07
N VAL A 124 -46.70 -25.28 0.48
CA VAL A 124 -45.70 -25.70 1.47
C VAL A 124 -45.74 -24.81 2.71
N THR A 125 -45.13 -25.28 3.79
CA THR A 125 -44.95 -24.49 5.00
C THR A 125 -43.66 -23.65 4.85
N GLN A 126 -43.78 -22.36 5.17
CA GLN A 126 -42.64 -21.41 5.10
C GLN A 126 -42.08 -21.16 6.46
N ASN A 127 -40.90 -20.53 6.49
CA ASN A 127 -40.34 -19.96 7.70
C ASN A 127 -39.91 -20.99 8.75
N GLY A 128 -39.38 -22.12 8.32
CA GLY A 128 -38.86 -23.13 9.25
C GLY A 128 -37.77 -22.57 10.15
N THR A 129 -37.70 -23.05 11.38
CA THR A 129 -36.71 -22.58 12.35
C THR A 129 -36.03 -23.74 13.03
N SER A 130 -34.99 -23.45 13.80
CA SER A 130 -34.20 -24.48 14.46
C SER A 130 -33.62 -23.96 15.77
N SER A 131 -33.43 -24.88 16.72
CA SER A 131 -32.84 -24.57 18.02
C SER A 131 -31.32 -24.38 17.93
N ALA A 132 -30.72 -24.75 16.80
CA ALA A 132 -29.31 -24.43 16.53
C ALA A 132 -29.11 -22.98 16.07
N CYS A 133 -30.20 -22.24 15.87
CA CYS A 133 -30.12 -20.88 15.34
C CYS A 133 -31.11 -19.98 16.05
N LYS A 134 -30.88 -19.79 17.34
CA LYS A 134 -31.78 -18.99 18.17
C LYS A 134 -31.62 -17.48 18.04
N ARG A 135 -32.75 -16.78 18.12
CA ARG A 135 -32.78 -15.37 18.46
C ARG A 135 -33.57 -15.26 19.76
N ARG A 136 -32.97 -14.64 20.78
CA ARG A 136 -33.63 -14.39 22.07
C ARG A 136 -34.25 -15.65 22.67
N SER A 137 -33.51 -16.77 22.58
CA SER A 137 -34.00 -18.10 23.01
C SER A 137 -35.09 -18.73 22.13
N ASN A 138 -35.76 -17.97 21.27
CA ASN A 138 -36.69 -18.56 20.29
C ASN A 138 -35.88 -19.30 19.25
N LYS A 139 -36.42 -20.43 18.80
CA LYS A 139 -35.97 -21.04 17.56
C LYS A 139 -36.00 -20.01 16.43
N SER A 140 -34.97 -19.98 15.59
CA SER A 140 -34.94 -19.05 14.47
C SER A 140 -34.18 -19.67 13.29
N PHE A 141 -33.87 -18.84 12.31
CA PHE A 141 -33.13 -19.26 11.13
C PHE A 141 -32.39 -18.06 10.52
N PHE A 142 -31.52 -18.31 9.53
CA PHE A 142 -30.92 -17.23 8.75
C PHE A 142 -32.01 -16.25 8.27
N SER A 143 -31.78 -14.95 8.49
CA SER A 143 -32.79 -13.94 8.17
C SER A 143 -33.10 -13.84 6.69
N ARG A 144 -32.13 -14.10 5.82
CA ARG A 144 -32.33 -13.89 4.40
C ARG A 144 -32.77 -15.15 3.65
N LEU A 145 -32.98 -16.25 4.36
CA LEU A 145 -33.34 -17.54 3.75
C LEU A 145 -34.65 -18.06 4.34
N ASN A 146 -35.32 -18.92 3.58
CA ASN A 146 -36.66 -19.36 3.94
C ASN A 146 -36.70 -20.89 3.88
N TRP A 147 -36.74 -21.51 5.05
CA TRP A 147 -36.74 -22.97 5.12
C TRP A 147 -38.15 -23.53 4.89
N LEU A 148 -38.39 -24.07 3.69
CA LEU A 148 -39.69 -24.61 3.30
C LEU A 148 -39.81 -26.07 3.70
N THR A 149 -40.95 -26.47 4.26
CA THR A 149 -41.24 -27.87 4.63
C THR A 149 -42.67 -28.25 4.17
N HIS A 150 -43.03 -29.53 4.32
CA HIS A 150 -44.35 -30.00 3.90
C HIS A 150 -45.50 -29.23 4.56
N LEU A 151 -46.64 -29.19 3.86
CA LEU A 151 -47.88 -28.64 4.38
C LEU A 151 -48.88 -29.81 4.38
N LYS A 152 -49.26 -30.26 5.56
CA LYS A 152 -50.20 -31.40 5.74
C LYS A 152 -49.72 -32.63 4.96
N TYR A 153 -48.45 -32.94 5.19
CA TYR A 153 -47.72 -34.08 4.60
C TYR A 153 -47.72 -34.13 3.07
N LYS A 154 -47.87 -32.98 2.43
CA LYS A 154 -47.64 -32.84 0.99
C LYS A 154 -46.56 -31.78 0.77
N TYR A 155 -45.71 -32.02 -0.23
CA TYR A 155 -44.77 -31.02 -0.72
C TYR A 155 -44.90 -31.09 -2.23
N PRO A 156 -45.82 -30.30 -2.80
CA PRO A 156 -45.99 -30.35 -4.24
C PRO A 156 -44.83 -29.67 -4.91
N ALA A 157 -44.56 -30.03 -6.15
CA ALA A 157 -43.42 -29.47 -6.87
C ALA A 157 -43.51 -27.93 -6.93
N LEU A 158 -42.37 -27.30 -6.71
CA LEU A 158 -42.26 -25.85 -6.84
C LEU A 158 -41.74 -25.57 -8.22
N ASN A 159 -42.32 -24.57 -8.88
CA ASN A 159 -41.92 -24.14 -10.22
C ASN A 159 -42.17 -22.62 -10.29
N VAL A 160 -41.24 -21.87 -9.70
CA VAL A 160 -41.45 -20.47 -9.34
C VAL A 160 -40.50 -19.56 -10.11
N THR A 161 -41.01 -18.42 -10.54
CA THR A 161 -40.36 -17.48 -11.44
C THR A 161 -40.21 -16.14 -10.71
N MET A 162 -39.13 -15.40 -11.01
CA MET A 162 -38.97 -14.03 -10.54
C MET A 162 -38.20 -13.25 -11.59
N PRO A 163 -38.89 -12.38 -12.34
CA PRO A 163 -38.18 -11.64 -13.40
C PRO A 163 -37.37 -10.48 -12.84
N ASN A 164 -36.26 -10.16 -13.51
CA ASN A 164 -35.48 -9.01 -13.16
C ASN A 164 -35.87 -7.93 -14.14
N ASN A 165 -36.74 -7.02 -13.71
CA ASN A 165 -37.13 -5.87 -14.55
C ASN A 165 -36.46 -4.59 -14.06
N GLU A 166 -35.29 -4.73 -13.45
CA GLU A 166 -34.50 -3.62 -12.96
C GLU A 166 -33.43 -3.26 -13.98
N LYS A 167 -32.73 -2.17 -13.67
CA LYS A 167 -31.55 -1.70 -14.40
C LYS A 167 -30.25 -2.40 -13.96
N PHE A 168 -30.27 -3.09 -12.83
CA PHE A 168 -29.06 -3.64 -12.21
C PHE A 168 -29.16 -5.16 -12.07
N ASP A 169 -28.01 -5.77 -11.80
CA ASP A 169 -27.94 -7.20 -11.57
C ASP A 169 -28.46 -7.49 -10.18
N LYS A 170 -29.07 -8.67 -10.03
CA LYS A 170 -29.53 -9.18 -8.75
C LYS A 170 -28.68 -10.38 -8.34
N LEU A 171 -28.27 -10.41 -7.09
CA LEU A 171 -27.61 -11.56 -6.48
C LEU A 171 -28.57 -12.30 -5.57
N TYR A 172 -28.85 -13.55 -5.93
CA TYR A 172 -29.66 -14.45 -5.14
C TYR A 172 -28.83 -15.49 -4.39
N ILE A 173 -29.09 -15.60 -3.10
CA ILE A 173 -28.47 -16.61 -2.25
C ILE A 173 -29.55 -17.61 -1.89
N TRP A 174 -29.21 -18.88 -2.02
CA TRP A 174 -30.13 -19.98 -1.74
C TRP A 174 -29.34 -21.19 -1.29
N GLY A 175 -30.06 -22.24 -0.88
CA GLY A 175 -29.39 -23.42 -0.35
C GLY A 175 -30.14 -24.71 -0.52
N VAL A 176 -29.46 -25.79 -0.14
CA VAL A 176 -30.02 -27.14 -0.14
C VAL A 176 -29.81 -27.71 1.25
N HIS A 177 -30.84 -28.35 1.77
CA HIS A 177 -30.74 -29.01 3.06
C HIS A 177 -30.44 -30.48 2.84
N HIS A 178 -29.39 -30.95 3.53
CA HIS A 178 -28.92 -32.32 3.53
C HIS A 178 -29.33 -32.97 4.85
N PRO A 179 -30.45 -33.73 4.86
CA PRO A 179 -30.86 -34.31 6.13
C PRO A 179 -29.95 -35.41 6.61
N VAL A 180 -30.02 -35.66 7.91
CA VAL A 180 -29.17 -36.65 8.54
C VAL A 180 -29.61 -38.08 8.21
N THR A 181 -30.92 -38.31 8.11
CA THR A 181 -31.48 -39.64 7.84
C THR A 181 -32.66 -39.63 6.87
N ASP A 182 -32.96 -40.80 6.34
CA ASP A 182 -34.17 -41.02 5.52
C ASP A 182 -35.45 -40.59 6.22
N SER A 183 -35.57 -40.85 7.52
CA SER A 183 -36.77 -40.44 8.24
C SER A 183 -36.81 -38.91 8.46
N GLU A 184 -35.67 -38.26 8.65
CA GLU A 184 -35.68 -36.80 8.76
C GLU A 184 -36.14 -36.25 7.41
N GLN A 185 -35.66 -36.83 6.32
CA GLN A 185 -36.06 -36.43 4.98
C GLN A 185 -37.59 -36.47 4.81
N ILE A 186 -38.20 -37.61 5.16
CA ILE A 186 -39.65 -37.79 5.04
C ILE A 186 -40.40 -36.83 5.98
N SER A 187 -39.91 -36.69 7.19
CA SER A 187 -40.51 -35.78 8.16
C SER A 187 -40.62 -34.36 7.66
N LEU A 188 -39.57 -33.87 7.02
CA LEU A 188 -39.53 -32.49 6.60
C LEU A 188 -40.19 -32.30 5.25
N TYR A 189 -39.98 -33.22 4.30
CA TYR A 189 -40.35 -32.96 2.89
C TYR A 189 -41.40 -33.90 2.29
N ALA A 190 -41.87 -34.87 3.08
CA ALA A 190 -42.92 -35.82 2.67
C ALA A 190 -42.61 -36.65 1.41
N GLN A 191 -41.33 -36.77 1.05
CA GLN A 191 -40.91 -37.63 -0.06
C GLN A 191 -39.40 -37.96 0.06
N ALA A 192 -39.02 -39.03 -0.62
CA ALA A 192 -37.82 -39.81 -0.29
C ALA A 192 -36.54 -39.10 -0.68
N SER A 193 -36.63 -38.21 -1.66
CA SER A 193 -35.54 -37.34 -1.97
C SER A 193 -36.08 -36.08 -2.62
N GLY A 194 -35.18 -35.12 -2.76
CA GLY A 194 -35.46 -33.83 -3.33
C GLY A 194 -34.50 -33.60 -4.48
N ARG A 195 -34.66 -32.46 -5.11
CA ARG A 195 -33.79 -32.03 -6.19
C ARG A 195 -34.12 -30.60 -6.43
N ILE A 196 -33.10 -29.80 -6.77
CA ILE A 196 -33.26 -28.38 -6.97
C ILE A 196 -32.56 -27.98 -8.27
N THR A 197 -33.31 -27.34 -9.17
CA THR A 197 -32.73 -26.75 -10.36
C THR A 197 -33.08 -25.26 -10.36
N VAL A 198 -32.02 -24.44 -10.32
CA VAL A 198 -32.15 -23.00 -10.36
C VAL A 198 -31.55 -22.51 -11.66
N SER A 199 -32.35 -21.78 -12.44
CA SER A 199 -31.91 -21.40 -13.78
C SER A 199 -32.28 -19.98 -14.15
N THR A 200 -31.58 -19.52 -15.19
CA THR A 200 -31.92 -18.30 -15.90
C THR A 200 -31.90 -18.68 -17.38
N LYS A 201 -32.10 -17.70 -18.26
CA LYS A 201 -31.95 -17.94 -19.70
C LYS A 201 -30.53 -18.36 -20.08
N ARG A 202 -29.53 -17.94 -19.30
CA ARG A 202 -28.14 -18.20 -19.66
C ARG A 202 -27.33 -19.09 -18.71
N SER A 203 -27.94 -19.58 -17.63
CA SER A 203 -27.23 -20.42 -16.68
C SER A 203 -28.17 -21.43 -16.04
N GLN A 204 -27.60 -22.51 -15.51
CA GLN A 204 -28.37 -23.49 -14.74
C GLN A 204 -27.49 -24.15 -13.68
N GLN A 205 -28.07 -24.44 -12.52
CA GLN A 205 -27.39 -25.18 -11.48
C GLN A 205 -28.37 -26.19 -10.96
N THR A 206 -28.00 -27.45 -10.89
CA THR A 206 -28.82 -28.38 -10.13
C THR A 206 -28.04 -29.08 -9.02
N VAL A 207 -28.70 -29.19 -7.88
CA VAL A 207 -28.10 -29.71 -6.69
C VAL A 207 -29.02 -30.80 -6.16
N ILE A 208 -28.39 -31.91 -5.80
CA ILE A 208 -29.02 -33.09 -5.19
C ILE A 208 -28.66 -33.13 -3.69
N PRO A 209 -29.66 -33.22 -2.80
CA PRO A 209 -29.33 -33.48 -1.39
C PRO A 209 -28.70 -34.85 -1.18
N ASN A 210 -27.82 -34.90 -0.18
CA ASN A 210 -27.09 -36.12 0.18
C ASN A 210 -27.38 -36.42 1.63
N ILE A 211 -28.20 -37.45 1.85
CA ILE A 211 -28.63 -37.83 3.19
C ILE A 211 -27.53 -38.60 3.90
N GLY A 212 -27.25 -38.24 5.15
CA GLY A 212 -26.22 -38.92 5.93
C GLY A 212 -25.76 -38.13 7.15
N PHE A 213 -24.95 -38.80 7.98
CA PHE A 213 -24.39 -38.20 9.19
C PHE A 213 -23.10 -37.45 8.90
N ARG A 214 -23.06 -36.21 9.38
CA ARG A 214 -21.85 -35.43 9.53
C ARG A 214 -21.65 -35.22 11.04
N PRO A 215 -20.42 -34.92 11.48
CA PRO A 215 -20.23 -34.70 12.89
C PRO A 215 -21.08 -33.55 13.41
N ARG A 216 -21.57 -33.68 14.63
CA ARG A 216 -22.47 -32.67 15.21
C ARG A 216 -21.78 -31.36 15.40
N VAL A 217 -22.43 -30.30 14.94
CA VAL A 217 -21.99 -28.93 15.14
C VAL A 217 -23.22 -28.22 15.66
N ARG A 218 -23.10 -27.62 16.84
CA ARG A 218 -24.21 -26.98 17.54
C ARG A 218 -25.38 -27.97 17.61
N ASP A 219 -24.99 -29.21 17.88
CA ASP A 219 -25.87 -30.36 18.05
C ASP A 219 -26.63 -30.85 16.81
N ILE A 220 -26.21 -30.41 15.62
CA ILE A 220 -26.85 -30.77 14.36
C ILE A 220 -25.90 -31.61 13.51
N SER A 221 -26.37 -32.76 13.02
CA SER A 221 -25.60 -33.63 12.13
C SER A 221 -25.95 -33.50 10.66
N SER A 222 -27.03 -32.78 10.35
CA SER A 222 -27.32 -32.43 8.97
C SER A 222 -26.52 -31.18 8.57
N ARG A 223 -26.68 -30.77 7.32
CA ARG A 223 -25.99 -29.60 6.80
C ARG A 223 -26.84 -28.86 5.78
N ILE A 224 -26.55 -27.58 5.63
CA ILE A 224 -27.03 -26.79 4.51
C ILE A 224 -25.83 -26.44 3.62
N SER A 225 -25.98 -26.56 2.30
CA SER A 225 -24.95 -26.08 1.38
C SER A 225 -25.50 -24.86 0.66
N ILE A 226 -24.70 -23.79 0.59
CA ILE A 226 -25.14 -22.51 0.07
C ILE A 226 -24.66 -22.30 -1.37
N TYR A 227 -25.56 -21.82 -2.22
CA TYR A 227 -25.31 -21.51 -3.62
C TYR A 227 -25.74 -20.08 -3.92
N TRP A 228 -25.31 -19.57 -5.06
CA TRP A 228 -25.73 -18.27 -5.53
C TRP A 228 -25.92 -18.20 -7.03
N THR A 229 -26.72 -17.23 -7.43
CA THR A 229 -27.09 -17.02 -8.82
C THR A 229 -27.21 -15.52 -9.07
N ILE A 230 -26.59 -15.03 -10.13
CA ILE A 230 -26.72 -13.64 -10.55
C ILE A 230 -27.71 -13.59 -11.72
N VAL A 231 -28.66 -12.65 -11.65
CA VAL A 231 -29.69 -12.47 -12.67
C VAL A 231 -29.58 -11.07 -13.29
N LYS A 232 -29.31 -11.03 -14.59
CA LYS A 232 -29.10 -9.79 -15.33
C LYS A 232 -30.45 -9.14 -15.65
N PRO A 233 -30.48 -7.81 -15.91
CA PRO A 233 -31.68 -7.11 -16.36
C PRO A 233 -32.33 -7.80 -17.55
N GLY A 234 -33.63 -8.07 -17.45
CA GLY A 234 -34.38 -8.72 -18.50
C GLY A 234 -34.26 -10.23 -18.53
N ASP A 235 -33.44 -10.80 -17.63
CA ASP A 235 -33.41 -12.23 -17.45
C ASP A 235 -34.41 -12.56 -16.34
N ILE A 236 -34.57 -13.85 -16.05
CA ILE A 236 -35.62 -14.37 -15.18
C ILE A 236 -35.03 -15.50 -14.34
N LEU A 237 -35.19 -15.43 -13.01
CA LEU A 237 -34.86 -16.54 -12.12
C LEU A 237 -36.00 -17.58 -12.12
N LEU A 238 -35.65 -18.85 -12.26
CA LEU A 238 -36.62 -19.94 -12.20
C LEU A 238 -36.10 -20.99 -11.21
N ILE A 239 -36.88 -21.26 -10.18
CA ILE A 239 -36.54 -22.26 -9.20
C ILE A 239 -37.53 -23.39 -9.37
N ASN A 240 -37.00 -24.57 -9.67
CA ASN A 240 -37.80 -25.77 -9.83
C ASN A 240 -37.30 -26.85 -8.87
N SER A 241 -38.12 -27.22 -7.89
CA SER A 241 -37.68 -28.08 -6.77
C SER A 241 -38.82 -28.90 -6.20
N THR A 242 -38.48 -30.10 -5.68
CA THR A 242 -39.43 -31.03 -5.08
C THR A 242 -39.12 -31.41 -3.62
N GLY A 243 -38.37 -30.57 -2.91
CA GLY A 243 -37.94 -30.87 -1.55
C GLY A 243 -36.54 -30.31 -1.31
N ASN A 244 -36.23 -30.03 -0.05
CA ASN A 244 -34.87 -29.69 0.42
C ASN A 244 -34.37 -28.29 0.07
N LEU A 245 -35.25 -27.46 -0.49
CA LEU A 245 -34.90 -26.11 -0.89
C LEU A 245 -34.87 -25.17 0.32
N ILE A 246 -33.72 -24.51 0.48
CA ILE A 246 -33.60 -23.37 1.36
C ILE A 246 -33.73 -22.14 0.47
N ALA A 247 -34.91 -21.52 0.53
CA ALA A 247 -35.30 -20.59 -0.50
C ALA A 247 -34.79 -19.17 -0.25
N PRO A 248 -34.55 -18.41 -1.33
CA PRO A 248 -34.23 -16.99 -1.18
C PRO A 248 -35.47 -16.20 -0.74
N ARG A 249 -35.26 -15.10 -0.03
CA ARG A 249 -36.34 -14.18 0.33
C ARG A 249 -36.38 -12.93 -0.56
N GLY A 250 -35.41 -12.83 -1.46
CA GLY A 250 -35.23 -11.62 -2.27
C GLY A 250 -33.82 -11.63 -2.79
N TYR A 251 -33.31 -10.45 -3.13
CA TYR A 251 -31.98 -10.35 -3.76
C TYR A 251 -31.12 -9.31 -3.08
N PHE A 252 -29.80 -9.49 -3.24
CA PHE A 252 -28.83 -8.45 -2.91
C PHE A 252 -28.52 -7.65 -4.17
N LYS A 253 -28.31 -6.35 -3.96
CA LYS A 253 -27.80 -5.46 -4.98
C LYS A 253 -26.35 -5.82 -5.19
N ILE A 254 -25.88 -5.71 -6.40
CA ILE A 254 -24.48 -5.95 -6.64
C ILE A 254 -23.95 -4.71 -7.36
N ARG A 255 -22.92 -4.08 -6.77
CA ARG A 255 -22.37 -2.84 -7.30
C ARG A 255 -20.95 -3.14 -7.70
N SER A 256 -20.33 -2.24 -8.44
CA SER A 256 -18.90 -2.28 -8.60
C SER A 256 -18.27 -0.98 -8.12
N GLY A 257 -17.05 -1.08 -7.65
CA GLY A 257 -16.39 0.04 -7.04
C GLY A 257 -15.16 -0.45 -6.32
N LYS A 258 -14.75 0.32 -5.33
CA LYS A 258 -13.46 0.14 -4.71
C LYS A 258 -13.51 -0.65 -3.40
N SER A 259 -14.57 -1.40 -3.14
CA SER A 259 -14.69 -2.09 -1.86
C SER A 259 -13.85 -3.36 -1.77
N SER A 260 -13.46 -3.73 -0.56
CA SER A 260 -12.74 -4.96 -0.31
C SER A 260 -12.98 -5.45 1.11
N ILE A 261 -12.23 -6.48 1.49
CA ILE A 261 -12.30 -7.12 2.80
C ILE A 261 -10.88 -7.41 3.27
N MET A 262 -10.67 -7.32 4.59
CA MET A 262 -9.34 -7.58 5.17
C MET A 262 -9.50 -8.33 6.46
N ARG A 263 -8.65 -9.34 6.67
CA ARG A 263 -8.58 -10.03 7.95
C ARG A 263 -7.59 -9.28 8.87
N SER A 264 -8.09 -8.82 10.01
CA SER A 264 -7.28 -8.07 10.96
C SER A 264 -7.91 -8.07 12.34
N ASP A 265 -7.06 -8.08 13.36
CA ASP A 265 -7.53 -7.91 14.72
C ASP A 265 -7.13 -6.55 15.26
N ALA A 266 -6.68 -5.64 14.42
CA ALA A 266 -6.30 -4.33 14.88
C ALA A 266 -7.55 -3.52 15.32
N PRO A 267 -7.47 -2.79 16.44
CA PRO A 267 -8.59 -1.93 16.83
C PRO A 267 -8.85 -0.81 15.82
N ILE A 268 -10.10 -0.40 15.68
CA ILE A 268 -10.47 0.74 14.83
C ILE A 268 -10.39 2.01 15.69
N GLY A 269 -9.75 3.06 15.17
CA GLY A 269 -9.58 4.31 15.88
C GLY A 269 -10.19 5.51 15.14
N LYS A 270 -10.43 6.58 15.89
CA LYS A 270 -10.88 7.85 15.31
C LYS A 270 -9.67 8.59 14.84
N CYS A 271 -9.35 8.51 13.57
CA CYS A 271 -8.16 9.17 13.00
C CYS A 271 -8.27 9.06 11.48
N ASN A 272 -7.34 9.66 10.76
CA ASN A 272 -7.42 9.77 9.32
C ASN A 272 -6.16 9.25 8.70
N SER A 273 -6.23 8.17 7.94
CA SER A 273 -5.08 7.66 7.23
C SER A 273 -5.50 6.94 5.94
N GLU A 274 -4.87 7.28 4.83
CA GLU A 274 -5.25 6.70 3.52
C GLU A 274 -4.90 5.22 3.38
N CYS A 275 -3.81 4.76 4.00
CA CYS A 275 -3.31 3.41 3.79
C CYS A 275 -3.61 2.51 4.98
N ILE A 276 -4.30 1.39 4.72
CA ILE A 276 -4.63 0.40 5.72
C ILE A 276 -3.87 -0.91 5.45
N THR A 277 -3.31 -1.47 6.51
CA THR A 277 -2.76 -2.82 6.52
C THR A 277 -3.41 -3.59 7.68
N PRO A 278 -3.29 -4.94 7.69
CA PRO A 278 -3.80 -5.69 8.86
C PRO A 278 -3.15 -5.32 10.20
N ASN A 279 -1.96 -4.78 10.15
CA ASN A 279 -1.30 -4.32 11.36
C ASN A 279 -1.78 -2.96 11.85
N GLY A 280 -2.58 -2.27 11.05
CA GLY A 280 -3.02 -0.92 11.31
C GLY A 280 -2.69 -0.04 10.13
N SER A 281 -3.15 1.20 10.22
CA SER A 281 -2.92 2.20 9.18
C SER A 281 -1.45 2.61 9.21
N ILE A 282 -0.92 3.00 8.06
CA ILE A 282 0.46 3.46 7.98
C ILE A 282 0.51 4.76 7.19
N PRO A 283 1.47 5.63 7.52
CA PRO A 283 1.67 6.79 6.67
C PRO A 283 2.10 6.39 5.25
N ASN A 284 1.77 7.24 4.28
CA ASN A 284 2.01 6.89 2.88
C ASN A 284 2.91 7.93 2.17
N ASP A 285 3.71 8.66 2.94
CA ASP A 285 4.69 9.59 2.35
C ASP A 285 5.80 8.85 1.58
N LYS A 286 6.21 7.68 2.08
CA LYS A 286 7.31 6.93 1.49
C LYS A 286 6.87 6.05 0.33
N PRO A 287 7.77 5.78 -0.61
CA PRO A 287 7.35 4.97 -1.77
C PRO A 287 7.20 3.50 -1.48
N PHE A 288 7.90 3.02 -0.44
CA PHE A 288 7.97 1.60 -0.13
C PHE A 288 7.60 1.38 1.34
N GLN A 289 7.29 0.14 1.66
CA GLN A 289 6.96 -0.23 3.01
C GLN A 289 7.21 -1.70 3.22
N ASN A 290 7.49 -2.05 4.45
CA ASN A 290 7.74 -3.43 4.80
C ASN A 290 6.85 -3.94 5.94
N VAL A 291 5.70 -3.29 6.09
CA VAL A 291 4.75 -3.61 7.15
C VAL A 291 3.96 -4.87 6.79
N ASN A 292 3.35 -4.89 5.60
CA ASN A 292 2.52 -6.03 5.21
C ASN A 292 2.28 -6.00 3.71
N ARG A 293 2.27 -7.19 3.10
CA ARG A 293 1.98 -7.30 1.68
C ARG A 293 0.51 -6.96 1.45
N ILE A 294 -0.32 -7.21 2.48
CA ILE A 294 -1.75 -6.91 2.41
C ILE A 294 -1.98 -5.46 2.69
N THR A 295 -2.52 -4.75 1.70
CA THR A 295 -2.83 -3.33 1.81
C THR A 295 -4.15 -2.96 1.15
N TYR A 296 -4.68 -1.83 1.58
CA TYR A 296 -5.90 -1.21 1.02
C TYR A 296 -5.74 0.31 1.07
N GLY A 297 -5.98 0.96 -0.06
CA GLY A 297 -5.92 2.42 -0.19
C GLY A 297 -4.67 2.88 -0.89
N ALA A 298 -4.31 4.15 -0.69
CA ALA A 298 -3.12 4.75 -1.28
C ALA A 298 -1.94 4.40 -0.40
N CYS A 299 -1.24 3.34 -0.79
CA CYS A 299 -0.23 2.72 0.03
C CYS A 299 1.15 2.71 -0.64
N PRO A 300 2.21 2.82 0.17
CA PRO A 300 3.51 2.46 -0.38
C PRO A 300 3.56 0.99 -0.85
N ARG A 301 4.46 0.68 -1.78
CA ARG A 301 4.63 -0.66 -2.28
C ARG A 301 5.42 -1.56 -1.33
N TYR A 302 4.93 -2.78 -1.14
CA TYR A 302 5.59 -3.72 -0.25
C TYR A 302 6.91 -4.23 -0.85
N VAL A 303 7.97 -4.13 -0.06
CA VAL A 303 9.28 -4.64 -0.36
C VAL A 303 9.82 -5.46 0.83
N LYS A 304 10.82 -6.29 0.55
CA LYS A 304 11.46 -7.11 1.58
C LYS A 304 12.43 -6.36 2.48
N GLN A 305 13.04 -5.27 1.99
CA GLN A 305 14.00 -4.52 2.78
C GLN A 305 13.31 -3.81 3.94
N ASN A 306 13.98 -3.72 5.09
CA ASN A 306 13.40 -2.96 6.20
C ASN A 306 13.87 -1.51 6.26
N THR A 307 14.88 -1.18 5.46
CA THR A 307 15.37 0.18 5.34
C THR A 307 16.01 0.38 3.97
N LEU A 308 15.77 1.52 3.36
CA LEU A 308 16.47 1.95 2.15
C LEU A 308 16.69 3.45 2.22
N LYS A 309 17.94 3.88 2.40
CA LYS A 309 18.21 5.30 2.65
C LYS A 309 18.63 5.99 1.38
N LEU A 310 17.90 7.05 1.03
CA LEU A 310 18.21 7.85 -0.14
C LEU A 310 19.08 9.03 0.31
N ALA A 311 20.29 9.17 -0.26
CA ALA A 311 21.13 10.34 0.03
C ALA A 311 20.39 11.63 -0.37
N THR A 312 20.44 12.62 0.52
CA THR A 312 19.91 13.94 0.26
C THR A 312 20.99 15.00 0.47
N GLY A 313 22.25 14.58 0.39
CA GLY A 313 23.39 15.49 0.53
C GLY A 313 24.63 14.84 -0.05
N MET A 314 25.70 15.62 -0.10
CA MET A 314 26.95 15.17 -0.65
C MET A 314 27.67 14.17 0.26
N ARG A 315 28.75 13.60 -0.26
CA ARG A 315 29.64 12.83 0.55
C ARG A 315 30.13 13.62 1.75
N ASN A 316 30.09 13.01 2.92
CA ASN A 316 30.53 13.68 4.15
C ASN A 316 32.02 13.38 4.37
N VAL A 317 32.82 14.43 4.41
CA VAL A 317 34.26 14.30 4.55
C VAL A 317 34.67 15.16 5.76
N PRO A 318 34.59 14.57 6.96
CA PRO A 318 34.82 15.36 8.20
C PRO A 318 36.24 15.86 8.37
N GLU A 319 36.40 16.88 9.20
CA GLU A 319 37.70 17.56 9.38
C GLU A 319 38.72 16.71 10.16
N GLY B 1 32.25 11.80 -6.51
CA GLY B 1 33.64 11.32 -6.67
C GLY B 1 34.16 11.33 -8.09
N ILE B 2 33.27 11.26 -9.09
CA ILE B 2 33.70 11.07 -10.46
C ILE B 2 34.43 12.31 -11.04
N PHE B 3 34.17 13.50 -10.48
CA PHE B 3 34.84 14.74 -10.90
C PHE B 3 36.14 14.96 -10.12
N GLY B 4 36.19 14.49 -8.90
CA GLY B 4 37.44 14.42 -8.15
C GLY B 4 37.70 15.56 -7.20
N ALA B 5 36.68 16.37 -6.91
CA ALA B 5 36.80 17.49 -6.01
C ALA B 5 36.47 17.05 -4.60
N ILE B 6 35.21 16.68 -4.38
CA ILE B 6 34.78 16.22 -3.07
C ILE B 6 35.35 14.84 -2.78
N ALA B 7 36.01 14.71 -1.62
CA ALA B 7 36.82 13.55 -1.25
C ALA B 7 37.96 13.31 -2.27
N GLY B 8 38.40 14.35 -2.94
CA GLY B 8 39.48 14.26 -3.91
C GLY B 8 40.47 15.37 -3.64
N PHE B 9 40.54 16.33 -4.56
CA PHE B 9 41.55 17.38 -4.40
C PHE B 9 41.20 18.37 -3.26
N ILE B 10 39.92 18.51 -2.93
CA ILE B 10 39.57 19.19 -1.69
CA ILE B 10 39.50 19.18 -1.68
C ILE B 10 39.72 18.18 -0.57
N GLU B 11 40.66 18.46 0.34
CA GLU B 11 41.05 17.48 1.38
C GLU B 11 39.89 17.04 2.30
N ASN B 12 39.08 17.99 2.73
CA ASN B 12 37.95 17.68 3.55
C ASN B 12 36.91 18.79 3.53
N GLY B 13 35.75 18.48 4.10
CA GLY B 13 34.69 19.46 4.21
C GLY B 13 34.90 20.40 5.40
N TRP B 14 34.05 21.40 5.50
CA TRP B 14 34.09 22.43 6.52
C TRP B 14 32.87 22.27 7.41
N GLU B 15 33.06 21.78 8.62
CA GLU B 15 31.93 21.62 9.54
C GLU B 15 31.37 22.96 10.02
N GLY B 16 32.21 24.01 10.02
CA GLY B 16 31.77 25.37 10.35
C GLY B 16 31.05 26.15 9.26
N MET B 17 30.88 25.57 8.07
CA MET B 17 30.02 26.19 7.07
C MET B 17 28.62 25.67 7.24
N VAL B 18 27.77 26.50 7.84
CA VAL B 18 26.39 26.11 8.13
C VAL B 18 25.35 26.90 7.34
N ASP B 19 25.76 27.87 6.52
CA ASP B 19 24.80 28.69 5.76
C ASP B 19 24.85 28.38 4.27
N GLY B 20 25.55 27.32 3.91
CA GLY B 20 25.59 26.86 2.53
C GLY B 20 26.30 25.53 2.43
N TRP B 21 26.28 24.95 1.23
CA TRP B 21 26.90 23.69 0.95
C TRP B 21 28.30 23.84 0.35
N TYR B 22 28.53 24.93 -0.37
CA TYR B 22 29.78 25.23 -1.05
C TYR B 22 30.13 26.68 -0.75
N GLY B 23 31.41 27.01 -0.81
CA GLY B 23 31.79 28.39 -0.61
C GLY B 23 33.29 28.61 -0.60
N PHE B 24 33.67 29.74 0.01
CA PHE B 24 35.00 30.29 -0.09
C PHE B 24 35.54 30.56 1.31
N ARG B 25 36.81 30.20 1.53
CA ARG B 25 37.58 30.72 2.67
C ARG B 25 38.76 31.50 2.12
N HIS B 26 39.16 32.59 2.79
CA HIS B 26 40.28 33.36 2.30
C HIS B 26 41.16 33.79 3.43
N GLN B 27 42.37 34.17 3.07
CA GLN B 27 43.27 34.92 3.96
C GLN B 27 43.84 36.05 3.14
N ASN B 28 43.83 37.25 3.68
CA ASN B 28 44.46 38.39 3.03
C ASN B 28 45.05 39.28 4.14
N SER B 29 45.47 40.48 3.81
CA SER B 29 46.16 41.26 4.83
C SER B 29 45.21 41.91 5.87
N GLU B 30 43.89 41.78 5.70
CA GLU B 30 42.90 42.22 6.69
C GLU B 30 42.32 41.09 7.56
N GLY B 31 42.70 39.83 7.33
CA GLY B 31 42.22 38.70 8.13
C GLY B 31 41.83 37.48 7.29
N THR B 32 40.91 36.68 7.80
CA THR B 32 40.43 35.47 7.13
C THR B 32 38.92 35.49 7.10
N GLY B 33 38.32 34.75 6.18
CA GLY B 33 36.86 34.74 6.16
C GLY B 33 36.34 33.52 5.47
N GLN B 34 35.05 33.29 5.71
CA GLN B 34 34.29 32.23 5.06
C GLN B 34 33.00 32.84 4.57
N ALA B 35 32.57 32.48 3.35
CA ALA B 35 31.26 32.89 2.82
C ALA B 35 30.72 31.76 1.93
N ALA B 36 29.44 31.46 2.10
CA ALA B 36 28.79 30.47 1.24
C ALA B 36 28.54 31.01 -0.15
N ASP B 37 28.57 30.13 -1.15
CA ASP B 37 28.20 30.46 -2.52
C ASP B 37 26.74 30.00 -2.73
N LEU B 38 25.84 30.94 -2.94
CA LEU B 38 24.42 30.58 -3.01
CA LEU B 38 24.39 30.67 -3.09
C LEU B 38 24.08 29.85 -4.32
N LYS B 39 24.66 30.25 -5.45
CA LYS B 39 24.36 29.61 -6.76
C LYS B 39 24.63 28.10 -6.80
N SER B 40 25.84 27.71 -6.43
CA SER B 40 26.22 26.29 -6.42
C SER B 40 25.38 25.53 -5.39
N THR B 41 25.17 26.14 -4.22
CA THR B 41 24.39 25.51 -3.15
C THR B 41 22.97 25.20 -3.66
N GLN B 42 22.36 26.20 -4.27
CA GLN B 42 20.98 26.06 -4.75
C GLN B 42 20.89 25.08 -5.94
N ALA B 43 21.92 25.04 -6.78
CA ALA B 43 21.93 24.10 -7.90
C ALA B 43 21.89 22.65 -7.41
N ALA B 44 22.72 22.34 -6.40
CA ALA B 44 22.70 21.00 -5.81
C ALA B 44 21.37 20.66 -5.14
N ILE B 45 20.93 21.55 -4.26
CA ILE B 45 19.67 21.38 -3.55
C ILE B 45 18.46 21.20 -4.48
N ASN B 46 18.38 22.03 -5.51
CA ASN B 46 17.29 21.92 -6.51
C ASN B 46 17.26 20.55 -7.20
N GLN B 47 18.42 20.00 -7.52
CA GLN B 47 18.48 18.68 -8.15
C GLN B 47 18.04 17.56 -7.20
N ILE B 48 18.48 17.63 -5.95
CA ILE B 48 18.09 16.65 -4.93
C ILE B 48 16.58 16.78 -4.63
N ASN B 49 16.07 18.01 -4.57
CA ASN B 49 14.60 18.18 -4.43
C ASN B 49 13.83 17.63 -5.64
N GLY B 50 14.41 17.69 -6.84
CA GLY B 50 13.84 17.05 -8.01
C GLY B 50 13.65 15.55 -7.84
N LYS B 51 14.65 14.91 -7.28
CA LYS B 51 14.56 13.47 -6.95
C LYS B 51 13.49 13.19 -5.92
N LEU B 52 13.49 13.99 -4.85
CA LEU B 52 12.47 13.83 -3.81
C LEU B 52 11.05 14.03 -4.33
N ASN B 53 10.87 15.01 -5.21
CA ASN B 53 9.58 15.27 -5.83
C ASN B 53 9.08 14.06 -6.62
N ARG B 54 10.00 13.25 -7.11
CA ARG B 54 9.65 12.06 -7.88
C ARG B 54 9.52 10.77 -7.04
N LEU B 55 9.83 10.83 -5.75
CA LEU B 55 9.73 9.65 -4.89
C LEU B 55 8.83 9.78 -3.67
N ILE B 56 8.66 10.99 -3.14
CA ILE B 56 7.93 11.21 -1.89
C ILE B 56 6.52 11.69 -2.22
N GLY B 57 5.52 11.12 -1.56
CA GLY B 57 4.13 11.55 -1.67
C GLY B 57 3.45 11.18 -2.97
N LYS B 58 3.87 10.06 -3.58
CA LYS B 58 3.41 9.72 -4.93
C LYS B 58 2.79 8.31 -5.01
N THR B 59 2.12 7.86 -3.95
CA THR B 59 1.68 6.45 -3.93
C THR B 59 0.50 6.13 -4.90
N ASN B 60 0.38 4.83 -5.14
CA ASN B 60 -0.59 4.13 -6.00
C ASN B 60 -1.77 3.62 -5.14
N GLU B 61 -3.01 3.87 -5.56
CA GLU B 61 -4.18 3.37 -4.86
C GLU B 61 -4.53 1.98 -5.38
N LYS B 62 -4.64 0.99 -4.49
CA LYS B 62 -5.16 -0.34 -4.85
C LYS B 62 -6.26 -0.73 -3.88
N PHE B 63 -7.23 -1.49 -4.38
CA PHE B 63 -8.40 -1.80 -3.59
C PHE B 63 -8.53 -3.30 -3.44
N HIS B 64 -9.52 -3.93 -4.04
CA HIS B 64 -9.67 -5.37 -3.94
C HIS B 64 -8.65 -6.09 -4.81
N GLN B 65 -7.95 -7.06 -4.24
CA GLN B 65 -6.83 -7.69 -4.90
C GLN B 65 -7.02 -9.20 -4.83
N ILE B 66 -6.00 -9.95 -4.48
CA ILE B 66 -6.10 -11.37 -4.24
C ILE B 66 -5.77 -11.59 -2.77
N GLU B 67 -6.14 -12.75 -2.27
CA GLU B 67 -5.75 -13.17 -0.94
C GLU B 67 -4.27 -13.56 -0.93
N LYS B 68 -3.64 -13.32 0.20
CA LYS B 68 -2.20 -13.49 0.40
C LYS B 68 -1.81 -14.32 1.63
N GLU B 69 -2.81 -14.75 2.42
CA GLU B 69 -2.62 -15.63 3.56
C GLU B 69 -3.76 -16.63 3.45
N PHE B 70 -3.53 -17.86 3.91
CA PHE B 70 -4.44 -18.98 3.68
C PHE B 70 -4.49 -19.87 4.91
N SER B 71 -5.69 -20.18 5.39
CA SER B 71 -5.85 -21.01 6.57
C SER B 71 -5.89 -22.52 6.27
N GLU B 72 -6.09 -22.90 5.02
CA GLU B 72 -6.19 -24.31 4.58
C GLU B 72 -5.23 -24.61 3.43
N VAL B 73 -4.79 -25.86 3.37
CA VAL B 73 -4.01 -26.40 2.26
C VAL B 73 -4.96 -26.64 1.08
N GLU B 74 -4.60 -26.15 -0.10
CA GLU B 74 -5.44 -26.31 -1.30
C GLU B 74 -4.78 -26.82 -2.58
N GLY B 75 -3.49 -26.62 -2.74
CA GLY B 75 -2.82 -27.07 -3.95
C GLY B 75 -2.78 -26.00 -5.04
N ARG B 76 -3.15 -26.42 -6.24
CA ARG B 76 -2.82 -25.70 -7.49
C ARG B 76 -3.17 -24.21 -7.50
N ILE B 77 -4.40 -23.84 -7.14
CA ILE B 77 -4.80 -22.44 -7.26
C ILE B 77 -4.07 -21.59 -6.22
N GLN B 78 -3.94 -22.13 -5.02
CA GLN B 78 -3.17 -21.45 -3.95
C GLN B 78 -1.66 -21.31 -4.28
N ASP B 79 -1.08 -22.36 -4.84
CA ASP B 79 0.31 -22.29 -5.32
C ASP B 79 0.47 -21.08 -6.27
N LEU B 80 -0.48 -20.92 -7.18
CA LEU B 80 -0.42 -19.85 -8.20
C LEU B 80 -0.59 -18.48 -7.55
N GLU B 81 -1.58 -18.36 -6.65
CA GLU B 81 -1.76 -17.08 -5.91
C GLU B 81 -0.47 -16.66 -5.17
N LYS B 82 0.17 -17.61 -4.49
CA LYS B 82 1.37 -17.34 -3.70
C LYS B 82 2.55 -16.98 -4.61
N TYR B 83 2.67 -17.69 -5.72
CA TYR B 83 3.75 -17.43 -6.71
C TYR B 83 3.62 -16.07 -7.38
N VAL B 84 2.41 -15.68 -7.72
CA VAL B 84 2.16 -14.37 -8.29
C VAL B 84 2.61 -13.29 -7.31
N GLU B 85 2.20 -13.41 -6.05
CA GLU B 85 2.60 -12.41 -5.04
C GLU B 85 4.10 -12.40 -4.77
N ASP B 86 4.70 -13.58 -4.64
CA ASP B 86 6.15 -13.66 -4.36
C ASP B 86 6.95 -13.04 -5.53
N THR B 87 6.50 -13.32 -6.75
CA THR B 87 7.09 -12.78 -7.98
C THR B 87 7.04 -11.22 -7.99
N LYS B 88 5.86 -10.69 -7.68
CA LYS B 88 5.63 -9.25 -7.59
C LYS B 88 6.55 -8.60 -6.57
N ILE B 89 6.60 -9.18 -5.37
CA ILE B 89 7.38 -8.57 -4.28
C ILE B 89 8.89 -8.58 -4.63
N ASP B 90 9.34 -9.65 -5.25
CA ASP B 90 10.77 -9.74 -5.60
C ASP B 90 11.12 -8.70 -6.67
N LEU B 91 10.20 -8.45 -7.61
CA LEU B 91 10.47 -7.49 -8.66
C LEU B 91 10.47 -6.09 -8.10
N TRP B 92 9.54 -5.79 -7.22
CA TRP B 92 9.52 -4.47 -6.58
C TRP B 92 10.72 -4.23 -5.66
N SER B 93 11.14 -5.28 -4.95
CA SER B 93 12.26 -5.19 -4.02
C SER B 93 13.54 -4.94 -4.81
N TYR B 94 13.68 -5.61 -5.94
CA TYR B 94 14.74 -5.28 -6.90
C TYR B 94 14.70 -3.84 -7.41
N ASN B 95 13.53 -3.37 -7.85
CA ASN B 95 13.42 -2.00 -8.31
C ASN B 95 13.89 -1.02 -7.20
N ALA B 96 13.44 -1.25 -5.99
CA ALA B 96 13.74 -0.35 -4.85
C ALA B 96 15.25 -0.32 -4.56
N GLU B 97 15.87 -1.50 -4.57
CA GLU B 97 17.32 -1.63 -4.35
C GLU B 97 18.14 -0.87 -5.39
N LEU B 98 17.82 -1.09 -6.65
CA LEU B 98 18.56 -0.46 -7.74
C LEU B 98 18.35 1.04 -7.76
N LEU B 99 17.11 1.48 -7.49
CA LEU B 99 16.75 2.88 -7.51
C LEU B 99 17.64 3.62 -6.51
N VAL B 100 17.73 3.09 -5.31
CA VAL B 100 18.48 3.79 -4.28
CA VAL B 100 18.49 3.73 -4.24
C VAL B 100 20.00 3.76 -4.58
N ALA B 101 20.53 2.63 -5.01
CA ALA B 101 21.96 2.57 -5.33
C ALA B 101 22.32 3.54 -6.47
N LEU B 102 21.49 3.57 -7.51
CA LEU B 102 21.75 4.43 -8.67
C LEU B 102 21.55 5.89 -8.33
N GLU B 103 20.45 6.20 -7.68
CA GLU B 103 20.20 7.58 -7.27
C GLU B 103 21.32 8.09 -6.35
N ASN B 104 21.77 7.27 -5.40
CA ASN B 104 22.83 7.69 -4.46
C ASN B 104 24.18 7.91 -5.15
N GLN B 105 24.51 7.03 -6.08
CA GLN B 105 25.73 7.23 -6.90
C GLN B 105 25.65 8.57 -7.63
N HIS B 106 24.50 8.85 -8.21
CA HIS B 106 24.32 10.09 -8.95
C HIS B 106 24.29 11.34 -8.06
N THR B 107 23.69 11.26 -6.89
CA THR B 107 23.70 12.38 -5.95
C THR B 107 25.14 12.73 -5.49
N ILE B 108 25.93 11.72 -5.22
CA ILE B 108 27.34 11.93 -4.84
C ILE B 108 28.09 12.56 -6.03
N ASP B 109 27.83 12.06 -7.23
CA ASP B 109 28.47 12.63 -8.41
C ASP B 109 28.02 14.06 -8.77
N LEU B 110 26.72 14.36 -8.64
CA LEU B 110 26.24 15.70 -9.00
C LEU B 110 26.71 16.74 -7.98
N THR B 111 26.80 16.35 -6.71
CA THR B 111 27.30 17.27 -5.68
C THR B 111 28.81 17.57 -5.86
N ASP B 112 29.56 16.54 -6.24
CA ASP B 112 30.99 16.70 -6.62
C ASP B 112 31.07 17.64 -7.84
N SER B 113 30.19 17.42 -8.81
CA SER B 113 30.14 18.27 -10.02
C SER B 113 29.94 19.74 -9.66
N GLU B 114 28.99 20.04 -8.76
CA GLU B 114 28.73 21.43 -8.42
C GLU B 114 29.95 22.06 -7.72
N MET B 115 30.63 21.32 -6.87
CA MET B 115 31.89 21.79 -6.29
C MET B 115 32.91 22.11 -7.40
N ASN B 116 33.07 21.16 -8.32
CA ASN B 116 34.03 21.30 -9.40
C ASN B 116 33.71 22.51 -10.28
N LYS B 117 32.43 22.72 -10.58
CA LYS B 117 32.02 23.85 -11.41
C LYS B 117 32.32 25.22 -10.77
N LEU B 118 32.13 25.31 -9.47
CA LEU B 118 32.45 26.53 -8.72
C LEU B 118 33.96 26.80 -8.76
N PHE B 119 34.73 25.75 -8.55
CA PHE B 119 36.17 25.84 -8.67
C PHE B 119 36.58 26.34 -10.06
N GLU B 120 36.06 25.71 -11.11
CA GLU B 120 36.39 26.14 -12.49
C GLU B 120 35.99 27.56 -12.79
N ARG B 121 34.79 27.98 -12.35
CA ARG B 121 34.37 29.39 -12.53
C ARG B 121 35.38 30.35 -11.94
N THR B 122 35.80 30.04 -10.71
CA THR B 122 36.71 30.93 -9.97
C THR B 122 38.08 30.95 -10.66
N LYS B 123 38.57 29.77 -11.07
CA LYS B 123 39.87 29.68 -11.77
C LYS B 123 39.90 30.60 -13.00
N LYS B 124 38.82 30.53 -13.79
CA LYS B 124 38.78 31.29 -15.06
C LYS B 124 38.71 32.78 -14.77
N GLN B 125 37.93 33.14 -13.77
CA GLN B 125 37.77 34.50 -13.35
C GLN B 125 39.10 35.21 -12.99
N LEU B 126 39.97 34.47 -12.32
CA LEU B 126 41.25 35.03 -11.84
C LEU B 126 42.28 35.17 -12.96
N ARG B 127 42.07 34.51 -14.10
CA ARG B 127 42.92 34.68 -15.30
C ARG B 127 44.39 34.45 -14.96
N GLU B 128 45.27 35.42 -15.19
CA GLU B 128 46.71 35.26 -14.93
C GLU B 128 47.12 35.82 -13.58
N ASN B 129 46.14 36.11 -12.69
CA ASN B 129 46.44 36.77 -11.42
C ASN B 129 46.61 35.81 -10.25
N ALA B 130 46.39 34.52 -10.50
CA ALA B 130 46.46 33.53 -9.44
C ALA B 130 46.91 32.20 -9.99
N GLU B 131 47.38 31.32 -9.10
CA GLU B 131 47.73 29.95 -9.44
C GLU B 131 47.01 28.96 -8.52
N ASP B 132 46.61 27.84 -9.12
CA ASP B 132 45.95 26.72 -8.44
C ASP B 132 47.02 25.94 -7.66
N MET B 133 46.87 25.88 -6.34
CA MET B 133 47.82 25.20 -5.49
CA MET B 133 47.78 25.18 -5.42
C MET B 133 47.55 23.67 -5.47
N GLY B 134 46.45 23.23 -6.06
CA GLY B 134 46.19 21.81 -6.22
C GLY B 134 45.25 21.18 -5.18
N ASN B 135 44.83 21.99 -4.20
CA ASN B 135 44.03 21.51 -3.08
C ASN B 135 42.73 22.33 -2.98
N GLY B 136 42.33 22.89 -4.10
CA GLY B 136 41.20 23.81 -4.17
C GLY B 136 41.47 25.26 -3.79
N CYS B 137 42.72 25.61 -3.49
CA CYS B 137 43.10 26.96 -3.09
C CYS B 137 43.86 27.61 -4.22
N PHE B 138 43.63 28.91 -4.40
CA PHE B 138 44.38 29.74 -5.30
C PHE B 138 45.31 30.66 -4.53
N LYS B 139 46.55 30.75 -4.97
CA LYS B 139 47.43 31.80 -4.50
C LYS B 139 47.23 32.99 -5.42
N ILE B 140 46.77 34.09 -4.84
CA ILE B 140 46.48 35.31 -5.57
C ILE B 140 47.71 36.22 -5.43
N TYR B 141 48.28 36.60 -6.58
CA TYR B 141 49.59 37.27 -6.61
C TYR B 141 49.51 38.80 -6.60
N HIS B 142 48.49 39.34 -5.91
CA HIS B 142 48.36 40.78 -5.72
C HIS B 142 47.66 41.07 -4.42
N LYS B 143 47.81 42.29 -3.91
CA LYS B 143 47.09 42.69 -2.72
CA LYS B 143 47.08 42.72 -2.73
C LYS B 143 45.60 42.57 -3.05
N CYS B 144 44.86 41.89 -2.18
CA CYS B 144 43.46 41.63 -2.45
C CYS B 144 42.71 41.78 -1.12
N ASP B 145 42.27 43.01 -0.85
CA ASP B 145 41.57 43.35 0.39
C ASP B 145 40.14 42.74 0.46
N ASN B 146 39.40 43.03 1.53
CA ASN B 146 38.06 42.44 1.68
C ASN B 146 37.13 42.73 0.51
N ALA B 147 37.16 43.97 0.01
CA ALA B 147 36.32 44.33 -1.15
C ALA B 147 36.75 43.56 -2.41
N CYS B 148 38.05 43.40 -2.60
CA CYS B 148 38.58 42.61 -3.70
C CYS B 148 38.11 41.15 -3.61
N ILE B 149 38.25 40.54 -2.41
CA ILE B 149 37.77 39.14 -2.20
C ILE B 149 36.29 39.06 -2.51
N GLU B 150 35.50 40.00 -2.00
CA GLU B 150 34.07 40.02 -2.29
C GLU B 150 33.77 40.15 -3.80
N SER B 151 34.58 40.93 -4.52
CA SER B 151 34.41 41.07 -5.99
C SER B 151 34.56 39.72 -6.70
N ILE B 152 35.48 38.89 -6.21
CA ILE B 152 35.66 37.54 -6.76
C ILE B 152 34.41 36.70 -6.45
N ARG B 153 34.00 36.71 -5.18
CA ARG B 153 32.83 35.91 -4.77
C ARG B 153 31.56 36.32 -5.50
N ASN B 154 31.39 37.60 -5.85
CA ASN B 154 30.16 38.02 -6.51
C ASN B 154 30.24 38.24 -8.03
N GLY B 155 31.33 37.79 -8.64
CA GLY B 155 31.49 37.84 -10.10
C GLY B 155 31.75 39.21 -10.69
N THR B 156 32.23 40.18 -9.92
CA THR B 156 32.55 41.51 -10.45
C THR B 156 34.05 41.81 -10.52
N TYR B 157 34.90 40.87 -10.10
CA TYR B 157 36.36 41.05 -10.12
C TYR B 157 36.84 41.37 -11.54
N ASP B 158 37.59 42.46 -11.66
CA ASP B 158 38.13 42.90 -12.95
C ASP B 158 39.61 42.54 -12.94
N HIS B 159 39.97 41.48 -13.67
CA HIS B 159 41.34 40.96 -13.59
C HIS B 159 42.36 41.98 -14.14
N ASP B 160 41.92 42.82 -15.07
CA ASP B 160 42.82 43.78 -15.69
C ASP B 160 43.38 44.81 -14.73
N VAL B 161 42.62 45.14 -13.69
CA VAL B 161 43.01 46.10 -12.67
C VAL B 161 44.28 45.65 -11.96
N TYR B 162 44.44 44.33 -11.79
CA TYR B 162 45.51 43.79 -10.97
C TYR B 162 46.57 43.05 -11.77
N ARG B 163 46.39 42.93 -13.08
CA ARG B 163 47.24 42.04 -13.90
C ARG B 163 48.71 42.42 -13.84
N ASP B 164 49.04 43.70 -14.01
CA ASP B 164 50.45 44.13 -13.99
C ASP B 164 51.15 43.74 -12.67
N GLU B 165 50.48 44.02 -11.56
CA GLU B 165 50.98 43.69 -10.23
C GLU B 165 51.17 42.16 -10.10
N ALA B 166 50.18 41.40 -10.55
CA ALA B 166 50.25 39.94 -10.42
C ALA B 166 51.32 39.30 -11.29
N LEU B 167 51.41 39.74 -12.53
CA LEU B 167 52.43 39.20 -13.42
C LEU B 167 53.83 39.47 -12.90
N ASN B 168 54.08 40.70 -12.44
CA ASN B 168 55.33 41.01 -11.81
C ASN B 168 55.62 40.05 -10.62
N ASN B 169 54.63 39.79 -9.76
CA ASN B 169 54.84 38.90 -8.62
C ASN B 169 55.03 37.42 -9.02
N ARG B 170 54.28 36.95 -10.01
CA ARG B 170 54.37 35.55 -10.44
C ARG B 170 55.65 35.21 -11.12
N PHE B 171 56.09 36.09 -11.99
CA PHE B 171 57.20 35.78 -12.87
C PHE B 171 58.47 36.46 -12.43
N GLN B 172 58.54 36.82 -11.15
CA GLN B 172 59.77 37.29 -10.47
C GLN B 172 60.83 36.17 -10.42
N ILE B 173 62.03 36.52 -9.93
CA ILE B 173 63.14 35.59 -9.73
C ILE B 173 63.80 35.88 -8.37
C1 NAG C . -42.95 -23.67 -14.87
C2 NAG C . -44.18 -23.86 -15.75
C3 NAG C . -43.92 -23.33 -17.16
C4 NAG C . -43.39 -21.91 -17.09
C5 NAG C . -42.24 -21.77 -16.11
C6 NAG C . -41.79 -20.32 -15.95
C7 NAG C . -45.61 -25.82 -15.31
C8 NAG C . -45.78 -27.30 -15.52
N2 NAG C . -44.51 -25.27 -15.85
O3 NAG C . -45.15 -23.35 -17.90
O4 NAG C . -42.90 -21.53 -18.37
O5 NAG C . -42.61 -22.29 -14.85
O6 NAG C . -42.87 -19.51 -15.51
O7 NAG C . -46.44 -25.19 -14.68
C1 NAG C . -43.80 -20.70 -19.09
C2 NAG C . -43.04 -19.86 -20.10
C3 NAG C . -43.99 -19.14 -21.05
C4 NAG C . -45.06 -20.09 -21.59
C5 NAG C . -45.74 -20.82 -20.44
C6 NAG C . -46.82 -21.80 -20.89
C7 NAG C . -40.90 -18.98 -19.23
C8 NAG C . -40.24 -17.84 -18.50
N2 NAG C . -42.22 -18.86 -19.41
O3 NAG C . -43.26 -18.58 -22.14
O4 NAG C . -46.05 -19.37 -22.33
O5 NAG C . -44.77 -21.54 -19.72
O6 NAG C . -46.26 -22.67 -21.88
O7 NAG C . -40.26 -19.94 -19.59
C1 BMA C . -45.76 -19.19 -23.74
C2 BMA C . -47.07 -19.29 -24.51
C3 BMA C . -46.80 -19.21 -26.01
C4 BMA C . -46.06 -17.91 -26.33
C5 BMA C . -44.82 -17.75 -25.43
C6 BMA C . -44.08 -16.42 -25.64
O2 BMA C . -47.91 -18.21 -24.09
O3 BMA C . -48.04 -19.32 -26.74
O4 BMA C . -45.65 -17.88 -27.71
O5 BMA C . -45.18 -17.91 -24.04
O6 BMA C . -44.95 -15.28 -25.70
C1 NAG D . 17.81 16.07 5.38
C2 NAG D . 17.39 17.39 6.00
C3 NAG D . 15.90 17.42 6.23
C4 NAG D . 15.16 17.11 4.94
C5 NAG D . 15.69 15.85 4.22
C6 NAG D . 15.08 15.74 2.82
C7 NAG D . 19.11 18.40 7.40
C8 NAG D . 19.73 18.43 8.76
N2 NAG D . 18.09 17.55 7.26
O3 NAG D . 15.56 18.74 6.69
O4 NAG D . 13.78 16.84 5.24
O5 NAG D . 17.12 15.86 4.13
O6 NAG D . 15.44 16.88 2.03
O7 NAG D . 19.53 19.11 6.50
C1 NAG D . 12.88 17.86 4.76
C2 NAG D . 11.47 17.26 4.69
C3 NAG D . 10.39 18.30 4.37
C4 NAG D . 10.58 19.51 5.29
C5 NAG D . 12.01 20.04 5.23
C6 NAG D . 12.26 21.25 6.14
C7 NAG D . 11.47 14.92 4.03
C8 NAG D . 11.42 13.94 2.88
N2 NAG D . 11.42 16.20 3.71
O3 NAG D . 9.14 17.65 4.57
O4 NAG D . 9.69 20.58 4.91
O5 NAG D . 12.90 18.98 5.62
O6 NAG D . 12.08 20.85 7.49
O7 NAG D . 11.54 14.54 5.19
C1 BMA D . 8.49 20.54 5.71
C2 BMA D . 7.89 21.92 5.76
C3 BMA D . 6.64 21.85 6.63
C4 BMA D . 5.64 20.83 6.13
C5 BMA D . 6.35 19.47 5.97
C6 BMA D . 5.47 18.43 5.30
O2 BMA D . 7.58 22.35 4.43
O3 BMA D . 6.02 23.14 6.64
O4 BMA D . 4.58 20.76 7.08
O5 BMA D . 7.53 19.62 5.18
O6 BMA D . 5.72 17.15 5.87
C1 MAN D . 6.70 24.04 7.54
C2 MAN D . 5.62 24.47 8.52
C3 MAN D . 4.68 25.52 7.91
C4 MAN D . 5.18 26.30 6.67
C5 MAN D . 6.41 25.75 5.94
C6 MAN D . 7.11 26.87 5.20
O2 MAN D . 6.18 24.90 9.79
O3 MAN D . 4.33 26.44 8.96
O4 MAN D . 4.14 26.36 5.70
O5 MAN D . 7.32 25.11 6.83
O6 MAN D . 6.17 27.47 4.30
C1 NAG E . 2.52 -7.01 10.62
C2 NAG E . 3.91 -7.06 11.28
C3 NAG E . 4.69 -8.30 10.85
C4 NAG E . 3.81 -9.56 10.67
C5 NAG E . 2.48 -9.26 9.98
C6 NAG E . 1.50 -10.42 9.88
C7 NAG E . 4.74 -4.78 11.81
C8 NAG E . 5.61 -3.62 11.41
N2 NAG E . 4.71 -5.86 10.99
O3 NAG E . 5.72 -8.53 11.82
O4 NAG E . 4.53 -10.49 9.85
O5 NAG E . 1.81 -8.23 10.70
O6 NAG E . 1.35 -11.08 11.14
O7 NAG E . 4.08 -4.72 12.84
C1 NAG E . 4.74 -11.76 10.51
C2 NAG E . 4.88 -12.88 9.46
C3 NAG E . 5.49 -14.17 10.05
C4 NAG E . 6.54 -13.95 11.14
C5 NAG E . 6.13 -12.84 12.12
C6 NAG E . 7.20 -12.54 13.17
C7 NAG E . 3.29 -13.50 7.65
C8 NAG E . 1.85 -13.85 7.36
N2 NAG E . 3.56 -13.24 8.93
O3 NAG E . 6.09 -14.92 8.98
O4 NAG E . 6.72 -15.19 11.84
O5 NAG E . 5.88 -11.66 11.36
O6 NAG E . 6.57 -12.14 14.40
O7 NAG E . 4.11 -13.47 6.74
C1 NAG F . -40.08 -29.02 -12.36
C2 NAG F . -40.12 -30.07 -11.24
C3 NAG F . -41.14 -31.17 -11.59
C4 NAG F . -42.52 -30.59 -11.85
C5 NAG F . -42.47 -29.27 -12.64
C6 NAG F . -43.82 -28.53 -12.65
C7 NAG F . -38.09 -30.52 -9.93
C8 NAG F . -36.67 -31.00 -10.03
N2 NAG F . -38.75 -30.53 -11.08
O3 NAG F . -41.27 -32.15 -10.54
O4 NAG F . -43.25 -31.56 -12.63
O5 NAG F . -41.39 -28.41 -12.21
O6 NAG F . -44.54 -28.60 -11.40
O7 NAG F . -38.58 -30.18 -8.88
C1 NAG F . -44.43 -32.07 -11.97
C2 NAG F . -45.25 -32.86 -13.01
C3 NAG F . -46.43 -33.59 -12.38
C4 NAG F . -46.03 -34.36 -11.12
C5 NAG F . -45.30 -33.40 -10.17
C6 NAG F . -44.92 -34.00 -8.82
C7 NAG F . -45.27 -31.96 -15.30
C8 NAG F . -45.86 -30.92 -16.21
N2 NAG F . -45.70 -31.93 -14.04
O3 NAG F . -46.98 -34.53 -13.31
O4 NAG F . -47.25 -34.88 -10.54
O5 NAG F . -44.13 -32.91 -10.85
O6 NAG F . -43.59 -34.56 -8.85
O7 NAG F . -44.47 -32.77 -15.72
C1 BMA F . -47.25 -36.31 -10.32
C2 BMA F . -48.18 -36.61 -9.15
C3 BMA F . -48.05 -38.07 -8.76
C4 BMA F . -48.33 -38.96 -9.96
C5 BMA F . -47.57 -38.50 -11.22
C6 BMA F . -48.01 -39.26 -12.48
O2 BMA F . -49.53 -36.30 -9.55
O3 BMA F . -48.94 -38.40 -7.68
O4 BMA F . -47.94 -40.30 -9.65
O5 BMA F . -47.70 -37.08 -11.44
O6 BMA F . -49.44 -39.31 -12.61
C1 NAG G . -19.24 -11.32 20.53
C2 NAG G . -20.08 -10.31 21.31
C3 NAG G . -19.54 -10.23 22.74
C4 NAG G . -19.55 -11.62 23.39
C5 NAG G . -18.82 -12.65 22.51
C6 NAG G . -19.06 -14.05 23.07
C7 NAG G . -21.04 -8.47 19.95
C8 NAG G . -20.77 -7.11 19.38
N2 NAG G . -20.03 -9.00 20.66
O3 NAG G . -20.34 -9.32 23.52
O4 NAG G . -18.92 -11.56 24.68
O5 NAG G . -19.28 -12.60 21.14
O6 NAG G . -18.45 -15.01 22.20
O7 NAG G . -22.11 -9.04 19.75
C1 NAG H . -43.04 -15.79 7.07
C2 NAG H . -44.57 -15.51 6.97
C3 NAG H . -44.82 -14.09 6.47
C4 NAG H . -44.08 -13.07 7.32
C5 NAG H . -42.59 -13.44 7.42
C6 NAG H . -41.88 -12.52 8.40
C7 NAG H . -45.75 -17.60 6.42
C8 NAG H . -46.45 -18.37 5.34
N2 NAG H . -45.27 -16.41 6.06
O3 NAG H . -46.22 -13.77 6.50
O4 NAG H . -44.22 -11.80 6.71
O5 NAG H . -42.43 -14.79 7.88
O6 NAG H . -40.51 -12.96 8.50
O7 NAG H . -45.64 -18.06 7.55
C1 NAG I . 22.53 15.56 12.73
C2 NAG I . 21.24 14.83 12.40
C3 NAG I . 20.20 15.78 11.83
C4 NAG I . 19.90 16.78 12.95
C5 NAG I . 21.21 17.50 13.32
C6 NAG I . 21.04 18.54 14.42
C7 NAG I . 21.26 12.48 11.67
C8 NAG I . 20.28 12.07 12.74
N2 NAG I . 21.66 13.75 11.52
O3 NAG I . 19.03 15.05 11.43
O4 NAG I . 18.86 17.70 12.56
O5 NAG I . 22.21 16.55 13.73
O6 NAG I . 20.75 17.91 15.68
O7 NAG I . 21.72 11.66 10.91
C1 NAG J . 30.25 42.97 -5.46
C2 NAG J . 29.09 43.98 -5.33
C3 NAG J . 29.51 45.43 -5.13
C4 NAG J . 30.74 45.60 -4.25
C5 NAG J . 31.85 44.57 -4.58
C6 NAG J . 33.01 44.61 -3.58
C7 NAG J . 27.17 43.15 -6.66
C8 NAG J . 26.55 43.13 -8.04
N2 NAG J . 28.32 43.84 -6.57
O3 NAG J . 28.43 46.14 -4.49
O4 NAG J . 31.23 46.94 -4.38
O5 NAG J . 31.34 43.23 -4.59
O6 NAG J . 32.52 44.56 -2.22
O7 NAG J . 26.65 42.59 -5.70
#